data_2Z7R
#
_entry.id   2Z7R
#
_cell.length_a   52.261
_cell.length_b   53.855
_cell.length_c   119.978
_cell.angle_alpha   90
_cell.angle_beta   90
_cell.angle_gamma   90
#
_symmetry.space_group_name_H-M   'P 21 21 21'
#
loop_
_entity.id
_entity.type
_entity.pdbx_description
1 polymer 'Ribosomal protein S6 kinase alpha-1'
2 non-polymer STAUROSPORINE
3 water water
#
_entity_poly.entity_id   1
_entity_poly.type   'polypeptide(L)'
_entity_poly.pdbx_seq_one_letter_code
;QPSKDEGVLKEISITHHVKAGSEKADPSHFELLKVLGQGSFGKVFLVRKVTRPDSGHLYAMKVLKKATLKVRDRVRTKME
RDILADVNHPFVVKLHYAFQTEGKLYLILDFLRGGDLFTRLSKEVMFTEEDVKFYLAELALGLDHLHSLGIIYRDLKPEN
ILLDEEGHIKLTDFGLSKEAIDHEKKAYSFCGTVEYMAPEVVNRQGHSHSADWWSYGVLMFEMLTGSLPFQGKDRKETMT
LILKAKLGMPQFLSTEAQSLLRALFKRNPANRLGSGPDGAEEIKRHVFYSTIDWNKLYRREIKPPFKPAVAQPDDTFYFD
T
;
_entity_poly.pdbx_strand_id   A
#
loop_
_chem_comp.id
_chem_comp.type
_chem_comp.name
_chem_comp.formula
STU non-polymer STAUROSPORINE 'C28 H26 N4 O3'
#
# COMPACT_ATOMS: atom_id res chain seq x y z
N GLY A 21 -4.04 26.18 -7.98
CA GLY A 21 -4.28 25.61 -9.34
C GLY A 21 -5.57 24.82 -9.44
N SER A 22 -6.22 24.58 -8.29
CA SER A 22 -7.49 23.85 -8.24
C SER A 22 -8.38 24.50 -7.19
N GLU A 23 -8.81 25.73 -7.44
CA GLU A 23 -9.60 26.47 -6.46
C GLU A 23 -10.96 27.01 -6.84
N LYS A 24 -11.41 26.78 -8.06
CA LYS A 24 -12.74 27.26 -8.38
C LYS A 24 -13.52 25.99 -8.14
N ALA A 25 -12.78 24.96 -7.71
CA ALA A 25 -13.29 23.63 -7.41
C ALA A 25 -14.34 23.78 -6.33
N ASP A 26 -15.31 22.89 -6.36
CA ASP A 26 -16.41 22.97 -5.42
C ASP A 26 -17.13 21.62 -5.43
N PRO A 27 -17.73 21.24 -4.31
CA PRO A 27 -18.45 19.95 -4.25
C PRO A 27 -19.59 19.86 -5.27
N SER A 28 -20.07 20.99 -5.74
CA SER A 28 -21.15 21.02 -6.72
C SER A 28 -20.64 20.58 -8.08
N HIS A 29 -19.32 20.61 -8.25
CA HIS A 29 -18.69 20.23 -9.51
C HIS A 29 -18.58 18.72 -9.69
N PHE A 30 -19.14 17.97 -8.76
CA PHE A 30 -19.08 16.51 -8.84
C PHE A 30 -20.40 15.85 -8.45
N GLU A 31 -20.90 14.95 -9.30
CA GLU A 31 -22.13 14.24 -8.97
C GLU A 31 -21.77 12.93 -8.26
N LEU A 32 -22.52 12.60 -7.22
CA LEU A 32 -22.26 11.39 -6.46
C LEU A 32 -22.83 10.16 -7.16
N LEU A 33 -22.00 9.16 -7.39
CA LEU A 33 -22.45 7.94 -8.05
C LEU A 33 -22.82 6.91 -6.97
N LYS A 34 -21.86 6.57 -6.12
CA LYS A 34 -22.09 5.60 -5.05
C LYS A 34 -20.96 5.67 -4.03
N VAL A 35 -21.00 4.80 -3.03
CA VAL A 35 -19.98 4.78 -2.00
C VAL A 35 -19.00 3.64 -2.25
N LEU A 36 -17.73 3.99 -2.38
CA LEU A 36 -16.68 3.01 -2.64
C LEU A 36 -16.26 2.28 -1.36
N GLY A 37 -16.15 3.04 -0.27
CA GLY A 37 -15.76 2.44 0.99
C GLY A 37 -15.83 3.38 2.17
N GLN A 38 -15.83 2.80 3.36
CA GLN A 38 -15.89 3.57 4.60
C GLN A 38 -14.51 3.59 5.22
N GLY A 39 -13.83 4.72 5.11
CA GLY A 39 -12.50 4.83 5.68
C GLY A 39 -12.59 5.22 7.14
N SER A 40 -11.49 5.06 7.87
CA SER A 40 -11.46 5.42 9.28
C SER A 40 -11.27 6.93 9.37
N PHE A 41 -10.65 7.49 8.34
CA PHE A 41 -10.39 8.92 8.28
C PHE A 41 -11.53 9.65 7.56
N GLY A 42 -12.43 8.89 6.96
CA GLY A 42 -13.55 9.48 6.25
C GLY A 42 -14.16 8.59 5.19
N LYS A 43 -15.30 9.01 4.65
CA LYS A 43 -16.01 8.26 3.62
C LYS A 43 -15.40 8.53 2.24
N VAL A 44 -15.54 7.58 1.33
CA VAL A 44 -15.00 7.73 -0.03
C VAL A 44 -16.05 7.34 -1.07
N PHE A 45 -16.40 8.28 -1.94
CA PHE A 45 -17.40 8.03 -2.96
C PHE A 45 -16.84 8.03 -4.38
N LEU A 46 -17.60 7.44 -5.29
CA LEU A 46 -17.23 7.41 -6.70
C LEU A 46 -17.98 8.64 -7.23
N VAL A 47 -17.27 9.57 -7.85
CA VAL A 47 -17.92 10.76 -8.38
C VAL A 47 -17.56 11.00 -9.84
N ARG A 48 -18.37 11.82 -10.50
CA ARG A 48 -18.13 12.18 -11.88
C ARG A 48 -18.08 13.68 -11.98
N LYS A 49 -16.95 14.23 -12.41
CA LYS A 49 -16.82 15.67 -12.52
C LYS A 49 -17.81 16.18 -13.56
N VAL A 50 -18.51 17.26 -13.23
CA VAL A 50 -19.51 17.84 -14.13
C VAL A 50 -19.05 19.12 -14.83
N THR A 51 -17.84 19.58 -14.52
CA THR A 51 -17.35 20.79 -15.14
C THR A 51 -16.06 20.58 -15.95
N ARG A 52 -15.91 21.38 -17.00
CA ARG A 52 -14.74 21.34 -17.87
C ARG A 52 -13.50 21.66 -17.06
N PRO A 53 -12.31 21.30 -17.58
CA PRO A 53 -12.09 20.63 -18.86
C PRO A 53 -12.22 19.11 -18.84
N ASP A 54 -12.39 18.55 -17.64
CA ASP A 54 -12.50 17.10 -17.52
C ASP A 54 -13.90 16.60 -17.22
N SER A 55 -14.90 17.26 -17.79
CA SER A 55 -16.28 16.84 -17.54
C SER A 55 -16.47 15.40 -17.99
N GLY A 56 -17.17 14.63 -17.17
CA GLY A 56 -17.40 13.23 -17.48
C GLY A 56 -16.37 12.30 -16.87
N HIS A 57 -15.24 12.84 -16.42
CA HIS A 57 -14.19 12.01 -15.81
C HIS A 57 -14.57 11.50 -14.42
N LEU A 58 -14.29 10.21 -14.18
CA LEU A 58 -14.59 9.59 -12.89
C LEU A 58 -13.42 9.77 -11.91
N TYR A 59 -13.75 10.01 -10.65
CA TYR A 59 -12.76 10.18 -9.59
C TYR A 59 -13.29 9.57 -8.30
N ALA A 60 -12.40 9.47 -7.31
CA ALA A 60 -12.78 8.97 -6.00
C ALA A 60 -12.70 10.18 -5.10
N MET A 61 -13.78 10.48 -4.38
CA MET A 61 -13.80 11.64 -3.51
C MET A 61 -13.78 11.22 -2.05
N LYS A 62 -12.72 11.64 -1.34
CA LYS A 62 -12.59 11.32 0.07
C LYS A 62 -13.01 12.54 0.88
N VAL A 63 -14.02 12.37 1.74
CA VAL A 63 -14.52 13.46 2.58
C VAL A 63 -14.03 13.33 4.03
N LEU A 64 -13.41 14.39 4.53
CA LEU A 64 -12.87 14.40 5.90
C LEU A 64 -13.61 15.41 6.77
N LYS A 65 -14.19 14.93 7.87
CA LYS A 65 -14.92 15.80 8.80
C LYS A 65 -13.97 16.65 9.66
N LYS A 66 -12.67 16.40 9.54
CA LYS A 66 -11.70 17.16 10.31
C LYS A 66 -11.21 18.30 9.42
N ALA A 67 -9.96 18.72 9.56
CA ALA A 67 -9.50 19.82 8.72
C ALA A 67 -8.01 20.11 8.74
N THR A 68 -7.56 20.59 7.58
CA THR A 68 -6.19 20.96 7.32
C THR A 68 -6.21 21.66 5.96
N LEU A 69 -5.09 21.51 5.26
CA LEU A 69 -4.88 22.03 3.94
C LEU A 69 -3.49 22.59 4.09
N LYS A 70 -2.76 22.60 3.00
CA LYS A 70 -1.43 23.12 3.02
C LYS A 70 -0.84 22.89 1.65
N VAL A 71 -0.05 23.85 1.23
CA VAL A 71 0.61 23.78 -0.05
C VAL A 71 2.07 24.13 0.20
N ILE A 83 2.56 14.68 6.05
CA ILE A 83 1.25 14.08 5.65
C ILE A 83 0.95 14.46 4.21
N LEU A 84 1.96 14.28 3.36
CA LEU A 84 1.81 14.61 1.95
C LEU A 84 0.82 13.67 1.29
N ALA A 85 -0.25 14.24 0.76
CA ALA A 85 -1.29 13.47 0.08
C ALA A 85 -1.10 13.64 -1.43
N ASP A 86 -0.21 14.57 -1.79
CA ASP A 86 0.08 14.86 -3.18
C ASP A 86 1.42 14.25 -3.59
N VAL A 87 1.39 12.99 -4.03
CA VAL A 87 2.59 12.29 -4.44
C VAL A 87 2.53 11.92 -5.92
N ASN A 88 3.57 12.29 -6.66
CA ASN A 88 3.63 12.01 -8.09
C ASN A 88 4.48 10.77 -8.38
N HIS A 89 3.82 9.64 -8.63
CA HIS A 89 4.54 8.40 -8.90
C HIS A 89 3.56 7.43 -9.56
N PRO A 90 4.03 6.62 -10.51
CA PRO A 90 3.19 5.65 -11.22
C PRO A 90 2.48 4.63 -10.33
N PHE A 91 3.01 4.36 -9.14
CA PHE A 91 2.36 3.38 -8.28
C PHE A 91 1.77 3.93 -6.98
N VAL A 92 1.45 5.22 -7.00
CA VAL A 92 0.83 5.88 -5.86
C VAL A 92 -0.38 6.69 -6.36
N VAL A 93 -1.52 6.53 -5.70
CA VAL A 93 -2.74 7.24 -6.10
C VAL A 93 -2.49 8.75 -6.15
N LYS A 94 -2.84 9.37 -7.28
CA LYS A 94 -2.65 10.80 -7.49
C LYS A 94 -3.81 11.66 -7.01
N LEU A 95 -3.47 12.85 -6.51
CA LEU A 95 -4.45 13.81 -6.02
C LEU A 95 -4.68 14.83 -7.14
N HIS A 96 -5.93 14.98 -7.57
CA HIS A 96 -6.26 15.91 -8.64
C HIS A 96 -6.76 17.26 -8.12
N TYR A 97 -7.62 17.21 -7.11
CA TYR A 97 -8.17 18.44 -6.53
C TYR A 97 -8.20 18.36 -5.02
N ALA A 98 -8.26 19.52 -4.38
CA ALA A 98 -8.31 19.61 -2.94
C ALA A 98 -8.93 20.94 -2.57
N PHE A 99 -10.10 20.90 -1.96
CA PHE A 99 -10.79 22.10 -1.55
C PHE A 99 -11.56 21.87 -0.25
N GLN A 100 -11.49 22.85 0.64
CA GLN A 100 -12.17 22.75 1.92
C GLN A 100 -13.42 23.62 1.88
N THR A 101 -14.58 22.98 1.73
CA THR A 101 -15.83 23.72 1.67
C THR A 101 -16.77 23.37 2.82
N GLU A 102 -17.02 24.36 3.67
CA GLU A 102 -17.91 24.20 4.81
C GLU A 102 -17.40 23.23 5.86
N GLY A 103 -16.23 23.53 6.42
CA GLY A 103 -15.65 22.70 7.46
C GLY A 103 -14.90 21.45 7.02
N LYS A 104 -15.57 20.59 6.26
CA LYS A 104 -14.93 19.37 5.80
C LYS A 104 -14.04 19.58 4.59
N LEU A 105 -13.02 18.72 4.46
CA LEU A 105 -12.06 18.80 3.36
C LEU A 105 -12.34 17.73 2.31
N TYR A 106 -12.42 18.12 1.05
CA TYR A 106 -12.68 17.18 -0.03
C TYR A 106 -11.41 16.90 -0.85
N LEU A 107 -11.07 15.62 -0.98
CA LEU A 107 -9.89 15.23 -1.75
C LEU A 107 -10.36 14.44 -2.95
N ILE A 108 -9.96 14.87 -4.15
CA ILE A 108 -10.34 14.21 -5.38
C ILE A 108 -9.14 13.42 -5.90
N LEU A 109 -9.23 12.10 -5.81
CA LEU A 109 -8.14 11.21 -6.19
C LEU A 109 -8.47 10.36 -7.41
N ASP A 110 -7.48 9.64 -7.90
CA ASP A 110 -7.67 8.74 -9.03
C ASP A 110 -8.74 7.75 -8.62
N PHE A 111 -9.51 7.27 -9.59
CA PHE A 111 -10.51 6.25 -9.31
C PHE A 111 -9.85 4.97 -9.85
N LEU A 112 -9.56 4.00 -8.98
CA LEU A 112 -8.95 2.75 -9.41
C LEU A 112 -10.01 1.67 -9.61
N ARG A 113 -10.37 1.43 -10.87
CA ARG A 113 -11.39 0.46 -11.26
C ARG A 113 -11.30 -0.95 -10.70
N GLY A 114 -10.11 -1.51 -10.64
CA GLY A 114 -9.94 -2.87 -10.16
C GLY A 114 -10.24 -3.19 -8.70
N GLY A 115 -10.38 -2.17 -7.85
CA GLY A 115 -10.66 -2.46 -6.45
C GLY A 115 -9.36 -2.80 -5.72
N ASP A 116 -9.45 -3.35 -4.53
CA ASP A 116 -8.23 -3.67 -3.79
C ASP A 116 -7.77 -5.12 -3.85
N LEU A 117 -6.53 -5.36 -3.43
CA LEU A 117 -5.95 -6.70 -3.43
C LEU A 117 -6.54 -7.63 -2.38
N PHE A 118 -7.13 -7.08 -1.33
CA PHE A 118 -7.73 -7.94 -0.31
C PHE A 118 -8.91 -8.70 -0.91
N THR A 119 -9.73 -7.99 -1.68
CA THR A 119 -10.87 -8.61 -2.31
C THR A 119 -10.42 -9.72 -3.26
N ARG A 120 -9.41 -9.43 -4.07
CA ARG A 120 -8.91 -10.46 -4.99
C ARG A 120 -8.31 -11.65 -4.24
N LEU A 121 -7.51 -11.37 -3.20
CA LEU A 121 -6.90 -12.44 -2.42
C LEU A 121 -7.97 -13.34 -1.81
N SER A 122 -9.03 -12.72 -1.30
CA SER A 122 -10.12 -13.48 -0.67
C SER A 122 -10.75 -14.45 -1.67
N LYS A 123 -10.95 -13.99 -2.90
CA LYS A 123 -11.52 -14.83 -3.93
C LYS A 123 -10.55 -15.92 -4.40
N GLU A 124 -9.30 -15.54 -4.65
CA GLU A 124 -8.27 -16.47 -5.16
C GLU A 124 -7.63 -17.39 -4.11
N VAL A 125 -7.74 -16.98 -2.85
CA VAL A 125 -7.19 -17.68 -1.67
C VAL A 125 -5.68 -17.73 -1.55
N MET A 126 -4.97 -17.22 -2.57
CA MET A 126 -3.52 -17.20 -2.66
C MET A 126 -3.11 -16.98 -4.13
N PHE A 127 -2.01 -16.24 -4.29
CA PHE A 127 -1.51 -15.92 -5.62
C PHE A 127 -0.25 -16.73 -5.93
N THR A 128 0.01 -16.94 -7.22
CA THR A 128 1.19 -17.66 -7.66
C THR A 128 2.39 -16.74 -7.43
N GLU A 129 3.59 -17.30 -7.35
CA GLU A 129 4.77 -16.48 -7.12
C GLU A 129 4.95 -15.45 -8.22
N GLU A 130 4.55 -15.81 -9.44
CA GLU A 130 4.63 -14.90 -10.57
C GLU A 130 3.78 -13.66 -10.25
N ASP A 131 2.54 -13.87 -9.85
CA ASP A 131 1.66 -12.75 -9.54
C ASP A 131 2.19 -11.95 -8.35
N VAL A 132 2.66 -12.64 -7.32
CA VAL A 132 3.17 -11.97 -6.12
C VAL A 132 4.42 -11.14 -6.42
N LYS A 133 5.31 -11.67 -7.26
CA LYS A 133 6.54 -10.96 -7.65
C LYS A 133 6.22 -9.63 -8.33
N PHE A 134 5.25 -9.64 -9.24
CA PHE A 134 4.85 -8.42 -9.95
C PHE A 134 4.29 -7.36 -8.99
N TYR A 135 3.28 -7.74 -8.22
CA TYR A 135 2.66 -6.82 -7.25
C TYR A 135 3.70 -6.27 -6.28
N LEU A 136 4.53 -7.15 -5.74
CA LEU A 136 5.56 -6.74 -4.78
C LEU A 136 6.66 -5.89 -5.41
N ALA A 137 6.98 -6.12 -6.68
CA ALA A 137 8.00 -5.32 -7.35
C ALA A 137 7.47 -3.90 -7.49
N GLU A 138 6.27 -3.74 -8.04
CA GLU A 138 5.65 -2.43 -8.21
C GLU A 138 5.45 -1.71 -6.87
N LEU A 139 5.16 -2.48 -5.82
CA LEU A 139 4.95 -1.91 -4.49
C LEU A 139 6.29 -1.44 -3.91
N ALA A 140 7.36 -2.18 -4.20
CA ALA A 140 8.70 -1.85 -3.74
C ALA A 140 9.08 -0.45 -4.21
N LEU A 141 8.76 -0.13 -5.46
CA LEU A 141 9.06 1.18 -6.02
C LEU A 141 8.18 2.24 -5.37
N GLY A 142 6.90 1.94 -5.24
CA GLY A 142 5.99 2.89 -4.62
C GLY A 142 6.41 3.23 -3.21
N LEU A 143 6.73 2.19 -2.44
CA LEU A 143 7.14 2.35 -1.05
C LEU A 143 8.42 3.15 -0.91
N ASP A 144 9.44 2.76 -1.67
CA ASP A 144 10.73 3.44 -1.63
C ASP A 144 10.56 4.91 -1.95
N HIS A 145 9.69 5.22 -2.90
CA HIS A 145 9.45 6.61 -3.27
C HIS A 145 8.90 7.36 -2.07
N LEU A 146 7.86 6.83 -1.43
CA LEU A 146 7.29 7.49 -0.27
C LEU A 146 8.37 7.67 0.80
N HIS A 147 9.23 6.66 0.94
CA HIS A 147 10.31 6.72 1.91
C HIS A 147 11.28 7.87 1.61
N SER A 148 11.50 8.13 0.32
CA SER A 148 12.42 9.19 -0.09
C SER A 148 11.83 10.55 0.26
N LEU A 149 10.51 10.62 0.37
CA LEU A 149 9.85 11.86 0.70
C LEU A 149 9.68 11.95 2.21
N GLY A 150 10.33 11.03 2.92
CA GLY A 150 10.26 11.01 4.36
C GLY A 150 8.95 10.47 4.92
N ILE A 151 8.19 9.77 4.08
CA ILE A 151 6.91 9.22 4.52
C ILE A 151 7.02 7.75 4.95
N ILE A 152 6.31 7.39 6.00
CA ILE A 152 6.30 6.02 6.50
C ILE A 152 4.90 5.47 6.26
N TYR A 153 4.79 4.53 5.32
CA TYR A 153 3.51 3.92 4.97
C TYR A 153 3.05 3.00 6.09
N ARG A 154 2.55 3.60 7.16
CA ARG A 154 2.08 2.86 8.34
C ARG A 154 1.02 1.78 8.10
N ASP A 155 0.12 2.02 7.15
CA ASP A 155 -0.97 1.08 6.90
C ASP A 155 -0.80 0.18 5.69
N LEU A 156 0.34 -0.50 5.59
CA LEU A 156 0.57 -1.42 4.48
C LEU A 156 -0.20 -2.71 4.74
N LYS A 157 -0.97 -3.14 3.75
CA LYS A 157 -1.79 -4.35 3.81
C LYS A 157 -2.57 -4.43 2.50
N PRO A 158 -3.00 -5.64 2.11
CA PRO A 158 -3.74 -5.77 0.84
C PRO A 158 -4.95 -4.87 0.67
N GLU A 159 -5.66 -4.55 1.76
CA GLU A 159 -6.84 -3.68 1.68
C GLU A 159 -6.52 -2.29 1.11
N ASN A 160 -5.31 -1.82 1.36
CA ASN A 160 -4.91 -0.50 0.91
C ASN A 160 -4.12 -0.41 -0.37
N ILE A 161 -4.13 -1.51 -1.12
CA ILE A 161 -3.43 -1.54 -2.40
C ILE A 161 -4.53 -1.75 -3.44
N LEU A 162 -4.69 -0.77 -4.32
CA LEU A 162 -5.70 -0.81 -5.37
C LEU A 162 -5.12 -1.22 -6.72
N LEU A 163 -6.00 -1.67 -7.62
CA LEU A 163 -5.61 -2.09 -8.96
C LEU A 163 -6.31 -1.19 -9.99
N ASP A 164 -5.60 -0.76 -11.01
CA ASP A 164 -6.25 0.09 -12.02
C ASP A 164 -6.87 -0.86 -13.04
N GLU A 165 -7.39 -0.30 -14.13
CA GLU A 165 -8.04 -1.11 -15.15
C GLU A 165 -7.10 -2.08 -15.88
N GLU A 166 -5.82 -1.75 -15.92
CA GLU A 166 -4.83 -2.60 -16.58
C GLU A 166 -4.34 -3.72 -15.67
N GLY A 167 -4.46 -3.53 -14.36
CA GLY A 167 -4.01 -4.54 -13.42
C GLY A 167 -2.80 -4.09 -12.63
N HIS A 168 -2.33 -2.86 -12.88
CA HIS A 168 -1.19 -2.35 -12.12
C HIS A 168 -1.71 -1.90 -10.77
N ILE A 169 -0.81 -1.78 -9.80
CA ILE A 169 -1.23 -1.39 -8.46
C ILE A 169 -0.96 0.08 -8.16
N LYS A 170 -1.65 0.57 -7.13
CA LYS A 170 -1.52 1.95 -6.69
C LYS A 170 -1.72 1.94 -5.17
N LEU A 171 -0.74 2.45 -4.45
CA LEU A 171 -0.83 2.51 -2.99
C LEU A 171 -1.73 3.69 -2.61
N THR A 172 -2.58 3.48 -1.62
CA THR A 172 -3.50 4.51 -1.18
C THR A 172 -3.53 4.59 0.36
N ASP A 173 -4.16 5.62 0.90
CA ASP A 173 -4.29 5.81 2.33
C ASP A 173 -2.90 5.88 2.99
N PHE A 174 -2.12 6.89 2.57
CA PHE A 174 -0.76 7.08 3.07
C PHE A 174 -0.56 8.53 3.52
N GLY A 175 0.68 8.91 3.78
CA GLY A 175 0.95 10.27 4.19
C GLY A 175 1.68 10.49 5.50
N LEU A 176 0.99 10.25 6.63
CA LEU A 176 1.57 10.44 7.96
C LEU A 176 3.05 10.12 8.11
N SER A 177 3.82 11.12 8.52
CA SER A 177 5.25 10.98 8.75
C SER A 177 5.43 10.91 10.26
N LYS A 178 5.03 11.97 10.96
CA LYS A 178 5.13 12.02 12.41
C LYS A 178 3.97 11.24 13.00
N GLU A 179 4.30 10.10 13.60
CA GLU A 179 3.29 9.23 14.21
C GLU A 179 3.80 8.57 15.48
N GLY A 192 -4.21 0.18 14.38
CA GLY A 192 -4.03 -0.50 13.05
C GLY A 192 -4.13 -2.01 13.14
N THR A 193 -4.05 -2.65 11.98
CA THR A 193 -4.12 -4.11 11.88
C THR A 193 -2.90 -4.72 12.57
N VAL A 194 -3.13 -5.36 13.71
CA VAL A 194 -2.04 -5.96 14.48
C VAL A 194 -1.19 -6.99 13.72
N GLU A 195 -1.83 -7.85 12.92
CA GLU A 195 -1.10 -8.88 12.17
C GLU A 195 0.01 -8.35 11.27
N TYR A 196 -0.07 -7.08 10.91
CA TYR A 196 0.94 -6.47 10.04
C TYR A 196 1.96 -5.61 10.78
N MET A 197 1.82 -5.51 12.10
CA MET A 197 2.74 -4.69 12.89
C MET A 197 4.11 -5.30 13.12
N ALA A 198 5.14 -4.52 12.81
CA ALA A 198 6.52 -4.94 13.02
C ALA A 198 6.74 -5.03 14.52
N PRO A 199 7.72 -5.84 14.96
CA PRO A 199 8.04 -6.03 16.38
C PRO A 199 8.38 -4.75 17.16
N GLU A 200 9.07 -3.81 16.52
CA GLU A 200 9.44 -2.56 17.19
C GLU A 200 8.23 -1.65 17.39
N VAL A 201 7.20 -1.88 16.58
CA VAL A 201 5.96 -1.12 16.66
C VAL A 201 5.10 -1.73 17.77
N VAL A 202 5.11 -3.05 17.87
CA VAL A 202 4.34 -3.71 18.91
C VAL A 202 4.95 -3.32 20.26
N ASN A 203 6.28 -3.28 20.33
CA ASN A 203 6.95 -2.92 21.56
C ASN A 203 7.19 -1.42 21.74
N ARG A 204 6.55 -0.62 20.90
CA ARG A 204 6.65 0.85 20.97
C ARG A 204 8.09 1.34 21.11
N GLN A 205 9.02 0.60 20.53
CA GLN A 205 10.43 0.93 20.61
C GLN A 205 10.88 1.91 19.53
N GLY A 206 10.05 2.06 18.50
CA GLY A 206 10.39 2.97 17.42
C GLY A 206 9.51 2.68 16.21
N HIS A 207 9.72 3.39 15.12
CA HIS A 207 8.91 3.17 13.93
C HIS A 207 9.47 3.90 12.71
N SER A 208 10.55 3.37 12.17
CA SER A 208 11.17 3.97 10.98
C SER A 208 10.58 3.29 9.75
N HIS A 209 11.16 3.56 8.59
CA HIS A 209 10.67 2.98 7.36
C HIS A 209 10.91 1.47 7.35
N SER A 210 11.78 1.02 8.26
CA SER A 210 12.11 -0.39 8.40
C SER A 210 10.86 -1.20 8.72
N ALA A 211 9.97 -0.62 9.52
CA ALA A 211 8.74 -1.27 9.93
C ALA A 211 7.88 -1.58 8.69
N ASP A 212 7.99 -0.73 7.67
CA ASP A 212 7.25 -0.92 6.43
C ASP A 212 7.73 -2.16 5.71
N TRP A 213 9.04 -2.40 5.72
CA TRP A 213 9.59 -3.57 5.05
C TRP A 213 9.15 -4.87 5.73
N TRP A 214 8.95 -4.83 7.05
CA TRP A 214 8.46 -6.00 7.77
C TRP A 214 7.03 -6.23 7.27
N SER A 215 6.22 -5.19 7.29
CA SER A 215 4.83 -5.27 6.84
C SER A 215 4.78 -5.77 5.38
N TYR A 216 5.77 -5.37 4.60
CA TYR A 216 5.89 -5.78 3.19
C TYR A 216 6.10 -7.29 3.17
N GLY A 217 6.85 -7.79 4.15
CA GLY A 217 7.08 -9.22 4.26
C GLY A 217 5.81 -9.96 4.64
N VAL A 218 5.01 -9.37 5.51
CA VAL A 218 3.75 -9.98 5.92
C VAL A 218 2.82 -10.05 4.69
N LEU A 219 2.78 -8.99 3.90
CA LEU A 219 1.95 -8.95 2.68
C LEU A 219 2.35 -10.10 1.73
N MET A 220 3.66 -10.25 1.52
CA MET A 220 4.21 -11.32 0.67
C MET A 220 3.75 -12.69 1.16
N PHE A 221 3.95 -12.95 2.46
CA PHE A 221 3.56 -14.21 3.07
C PHE A 221 2.06 -14.45 2.93
N GLU A 222 1.23 -13.44 3.20
CA GLU A 222 -0.21 -13.61 3.10
C GLU A 222 -0.67 -13.85 1.66
N MET A 223 -0.05 -13.16 0.70
CA MET A 223 -0.44 -13.35 -0.70
C MET A 223 0.00 -14.72 -1.19
N LEU A 224 1.17 -15.17 -0.75
CA LEU A 224 1.72 -16.45 -1.14
C LEU A 224 1.07 -17.67 -0.47
N THR A 225 0.58 -17.52 0.75
CA THR A 225 0.01 -18.67 1.45
C THR A 225 -1.47 -18.58 1.74
N GLY A 226 -2.03 -17.39 1.65
CA GLY A 226 -3.44 -17.21 1.97
C GLY A 226 -3.62 -17.06 3.49
N SER A 227 -2.53 -17.10 4.24
CA SER A 227 -2.64 -16.95 5.69
C SER A 227 -1.59 -16.00 6.25
N LEU A 228 -1.76 -15.56 7.50
CA LEU A 228 -0.82 -14.65 8.13
C LEU A 228 0.27 -15.41 8.86
N PRO A 229 1.51 -14.88 8.84
CA PRO A 229 2.64 -15.54 9.50
C PRO A 229 2.50 -15.61 11.00
N PHE A 230 2.01 -14.52 11.60
CA PHE A 230 1.81 -14.42 13.04
C PHE A 230 0.39 -14.04 13.40
N GLN A 231 -0.34 -14.97 13.99
CA GLN A 231 -1.71 -14.71 14.40
C GLN A 231 -2.10 -15.61 15.55
N GLY A 232 -2.65 -15.00 16.60
CA GLY A 232 -3.08 -15.77 17.76
C GLY A 232 -4.58 -15.69 17.83
N LYS A 233 -5.14 -16.13 18.96
CA LYS A 233 -6.59 -16.11 19.13
C LYS A 233 -7.15 -14.73 19.43
N ASP A 234 -6.27 -13.81 19.81
CA ASP A 234 -6.69 -12.45 20.10
C ASP A 234 -5.53 -11.48 19.87
N ARG A 235 -5.83 -10.19 19.95
CA ARG A 235 -4.83 -9.15 19.72
C ARG A 235 -3.57 -9.36 20.56
N LYS A 236 -3.74 -9.64 21.84
CA LYS A 236 -2.60 -9.82 22.73
C LYS A 236 -1.70 -10.99 22.32
N GLU A 237 -2.29 -12.14 22.05
CA GLU A 237 -1.48 -13.28 21.68
C GLU A 237 -0.78 -13.00 20.35
N THR A 238 -1.48 -12.36 19.41
CA THR A 238 -0.87 -12.06 18.12
C THR A 238 0.39 -11.18 18.33
N MET A 239 0.27 -10.17 19.18
CA MET A 239 1.44 -9.31 19.44
C MET A 239 2.59 -10.11 20.02
N THR A 240 2.29 -11.01 20.96
CA THR A 240 3.34 -11.83 21.56
C THR A 240 3.97 -12.76 20.52
N LEU A 241 3.16 -13.27 19.59
CA LEU A 241 3.70 -14.16 18.56
C LEU A 241 4.64 -13.35 17.65
N ILE A 242 4.25 -12.13 17.34
CA ILE A 242 5.09 -11.27 16.51
C ILE A 242 6.45 -11.04 17.19
N LEU A 243 6.41 -10.78 18.49
CA LEU A 243 7.64 -10.54 19.25
C LEU A 243 8.61 -11.74 19.26
N LYS A 244 8.07 -12.96 19.28
CA LYS A 244 8.94 -14.12 19.27
C LYS A 244 9.45 -14.34 17.86
N ALA A 245 8.66 -13.92 16.88
CA ALA A 245 9.03 -14.05 15.48
C ALA A 245 9.43 -15.47 15.05
N LYS A 246 8.83 -16.48 15.68
CA LYS A 246 9.12 -17.86 15.31
C LYS A 246 8.25 -18.17 14.10
N LEU A 247 8.85 -18.45 12.95
CA LEU A 247 8.06 -18.71 11.76
C LEU A 247 8.35 -20.00 11.01
N GLY A 248 7.30 -20.77 10.75
CA GLY A 248 7.47 -22.00 10.00
C GLY A 248 7.23 -21.69 8.54
N MET A 249 8.15 -22.10 7.68
CA MET A 249 8.03 -21.85 6.25
C MET A 249 7.21 -22.91 5.51
N PRO A 250 6.08 -22.52 4.91
CA PRO A 250 5.32 -23.56 4.20
C PRO A 250 6.24 -24.13 3.11
N GLN A 251 6.30 -25.46 3.02
CA GLN A 251 7.18 -26.14 2.08
C GLN A 251 6.94 -25.94 0.59
N PHE A 252 5.81 -25.36 0.20
CA PHE A 252 5.56 -25.16 -1.22
C PHE A 252 6.18 -23.86 -1.75
N LEU A 253 6.77 -23.06 -0.86
CA LEU A 253 7.39 -21.80 -1.29
C LEU A 253 8.76 -22.03 -1.90
N SER A 254 9.08 -21.30 -2.97
CA SER A 254 10.36 -21.43 -3.66
C SER A 254 11.48 -21.08 -2.68
N THR A 255 12.70 -21.56 -2.95
CA THR A 255 13.81 -21.25 -2.06
C THR A 255 14.06 -19.74 -2.06
N GLU A 256 13.84 -19.10 -3.21
CA GLU A 256 14.03 -17.65 -3.32
C GLU A 256 13.01 -16.89 -2.47
N ALA A 257 11.75 -17.32 -2.55
CA ALA A 257 10.70 -16.68 -1.77
C ALA A 257 11.03 -16.81 -0.28
N GLN A 258 11.41 -18.01 0.11
CA GLN A 258 11.75 -18.29 1.50
C GLN A 258 12.89 -17.44 2.05
N SER A 259 13.97 -17.28 1.28
CA SER A 259 15.09 -16.49 1.76
C SER A 259 14.71 -15.03 1.88
N LEU A 260 13.91 -14.52 0.95
CA LEU A 260 13.49 -13.12 1.01
C LEU A 260 12.65 -12.86 2.27
N LEU A 261 11.74 -13.78 2.57
CA LEU A 261 10.88 -13.68 3.74
C LEU A 261 11.72 -13.70 5.02
N ARG A 262 12.71 -14.59 5.06
CA ARG A 262 13.58 -14.70 6.23
C ARG A 262 14.38 -13.40 6.42
N ALA A 263 14.81 -12.80 5.32
CA ALA A 263 15.59 -11.56 5.38
C ALA A 263 14.74 -10.37 5.81
N LEU A 264 13.44 -10.44 5.54
CA LEU A 264 12.52 -9.35 5.90
C LEU A 264 12.00 -9.49 7.32
N PHE A 265 11.88 -10.73 7.78
CA PHE A 265 11.37 -10.98 9.13
C PHE A 265 12.45 -11.01 10.21
N LYS A 266 13.31 -10.00 10.20
CA LYS A 266 14.35 -9.88 11.22
C LYS A 266 13.71 -9.04 12.31
N ARG A 267 13.71 -9.52 13.54
CA ARG A 267 13.11 -8.77 14.65
C ARG A 267 13.79 -7.41 14.84
N ASN A 268 15.11 -7.40 14.71
CA ASN A 268 15.88 -6.17 14.88
C ASN A 268 15.90 -5.37 13.58
N PRO A 269 15.28 -4.18 13.58
CA PRO A 269 15.19 -3.29 12.42
C PRO A 269 16.53 -3.09 11.74
N ALA A 270 17.59 -3.04 12.53
CA ALA A 270 18.95 -2.85 12.00
C ALA A 270 19.42 -3.96 11.09
N ASN A 271 18.98 -5.19 11.34
CA ASN A 271 19.41 -6.31 10.51
C ASN A 271 18.37 -6.76 9.48
N ARG A 272 17.27 -6.04 9.39
CA ARG A 272 16.20 -6.38 8.45
C ARG A 272 16.58 -5.91 7.05
N LEU A 273 16.22 -6.70 6.04
CA LEU A 273 16.51 -6.33 4.67
C LEU A 273 15.83 -4.97 4.40
N GLY A 274 16.53 -4.08 3.72
CA GLY A 274 15.97 -2.78 3.43
C GLY A 274 16.52 -1.69 4.34
N SER A 275 17.27 -2.07 5.36
CA SER A 275 17.84 -1.11 6.29
C SER A 275 19.22 -0.60 5.85
N GLY A 276 19.28 -0.09 4.63
CA GLY A 276 20.54 0.43 4.11
C GLY A 276 21.62 -0.62 4.07
N PRO A 277 22.84 -0.25 3.67
CA PRO A 277 23.13 1.14 3.28
C PRO A 277 22.58 1.46 1.89
N ASP A 278 22.40 0.42 1.08
CA ASP A 278 21.88 0.58 -0.28
C ASP A 278 20.35 0.67 -0.30
N GLY A 279 19.76 0.79 0.88
CA GLY A 279 18.31 0.91 1.00
C GLY A 279 17.46 -0.13 0.28
N ALA A 280 16.40 0.35 -0.38
CA ALA A 280 15.48 -0.51 -1.11
C ALA A 280 16.19 -1.33 -2.17
N GLU A 281 17.35 -0.86 -2.63
CA GLU A 281 18.11 -1.56 -3.65
C GLU A 281 18.51 -2.97 -3.21
N GLU A 282 18.83 -3.15 -1.94
CA GLU A 282 19.23 -4.48 -1.47
C GLU A 282 18.06 -5.44 -1.48
N ILE A 283 16.85 -4.91 -1.49
CA ILE A 283 15.67 -5.76 -1.55
C ILE A 283 15.39 -5.98 -3.04
N LYS A 284 15.58 -4.94 -3.85
CA LYS A 284 15.35 -5.05 -5.28
C LYS A 284 16.38 -5.92 -5.99
N ARG A 285 17.56 -6.07 -5.39
CA ARG A 285 18.61 -6.90 -5.97
C ARG A 285 18.55 -8.32 -5.44
N HIS A 286 17.53 -8.61 -4.63
CA HIS A 286 17.38 -9.95 -4.09
C HIS A 286 17.06 -10.91 -5.20
N VAL A 287 17.63 -12.11 -5.11
CA VAL A 287 17.41 -13.14 -6.11
C VAL A 287 15.93 -13.36 -6.43
N PHE A 288 15.04 -13.03 -5.49
CA PHE A 288 13.62 -13.24 -5.73
C PHE A 288 13.13 -12.45 -6.95
N TYR A 289 13.66 -11.26 -7.16
CA TYR A 289 13.25 -10.44 -8.30
C TYR A 289 14.24 -10.45 -9.47
N SER A 290 15.04 -11.51 -9.58
CA SER A 290 16.04 -11.57 -10.66
C SER A 290 15.47 -11.36 -12.06
N THR A 291 14.23 -11.79 -12.30
CA THR A 291 13.62 -11.64 -13.62
C THR A 291 12.89 -10.31 -13.82
N ILE A 292 13.11 -9.37 -12.90
CA ILE A 292 12.43 -8.09 -12.98
C ILE A 292 13.27 -6.92 -13.49
N ASP A 293 12.77 -6.28 -14.55
CA ASP A 293 13.41 -5.12 -15.14
C ASP A 293 12.73 -3.90 -14.53
N TRP A 294 13.33 -3.37 -13.47
CA TRP A 294 12.77 -2.24 -12.76
C TRP A 294 12.54 -1.00 -13.61
N ASN A 295 13.27 -0.88 -14.71
CA ASN A 295 13.09 0.29 -15.58
C ASN A 295 11.76 0.21 -16.29
N LYS A 296 11.52 -0.91 -16.98
CA LYS A 296 10.25 -1.08 -17.69
C LYS A 296 9.08 -1.19 -16.72
N LEU A 297 9.35 -1.75 -15.54
CA LEU A 297 8.30 -1.88 -14.53
C LEU A 297 7.84 -0.47 -14.16
N TYR A 298 8.80 0.41 -13.87
CA TYR A 298 8.48 1.80 -13.52
C TYR A 298 7.63 2.41 -14.63
N ARG A 299 7.97 2.08 -15.87
CA ARG A 299 7.26 2.60 -17.04
C ARG A 299 5.97 1.82 -17.33
N ARG A 300 5.58 0.95 -16.41
CA ARG A 300 4.38 0.16 -16.60
C ARG A 300 4.38 -0.57 -17.95
N GLU A 301 5.57 -1.04 -18.34
CA GLU A 301 5.74 -1.77 -19.58
C GLU A 301 5.42 -3.25 -19.37
N ILE A 302 5.71 -3.75 -18.18
CA ILE A 302 5.44 -5.16 -17.85
C ILE A 302 3.95 -5.36 -17.71
N LYS A 303 3.40 -6.34 -18.43
CA LYS A 303 1.97 -6.59 -18.37
C LYS A 303 1.56 -7.31 -17.08
N PRO A 304 0.50 -6.82 -16.44
CA PRO A 304 -0.03 -7.40 -15.19
C PRO A 304 -0.50 -8.84 -15.42
N PRO A 305 -0.43 -9.67 -14.38
CA PRO A 305 -0.85 -11.06 -14.46
C PRO A 305 -2.37 -11.18 -14.49
N PHE A 306 -3.02 -10.30 -13.74
CA PHE A 306 -4.47 -10.27 -13.64
C PHE A 306 -5.01 -9.05 -14.35
N LYS A 307 -6.05 -9.24 -15.15
CA LYS A 307 -6.66 -8.15 -15.89
C LYS A 307 -8.08 -7.88 -15.39
N PRO A 308 -8.27 -6.77 -14.66
CA PRO A 308 -9.56 -6.36 -14.10
C PRO A 308 -10.64 -6.17 -15.17
O4 STU B . -12.58 2.16 0.04
C25 STU B . -12.66 1.14 -0.97
C24 STU B . -11.95 -0.19 -0.52
C23 STU B . -11.35 -0.06 0.90
C22 STU B . -10.42 1.21 1.01
C21 STU B . -11.36 2.48 0.74
C26 STU B . -11.87 2.94 2.10
N2 STU B . -10.60 3.58 -0.03
C18 STU B . -10.67 3.60 -1.46
C19 STU B . -11.30 2.79 -2.39
C6 STU B . -11.20 3.03 -3.82
C7 STU B . -10.35 4.21 -4.20
C10 STU B . -9.74 4.98 -3.31
C11 STU B . -9.84 4.75 -1.89
C12 STU B . -9.31 5.36 -0.76
C17 STU B . -9.77 4.64 0.42
C16 STU B . -9.35 5.07 1.69
C15 STU B . -8.52 6.16 1.82
C14 STU B . -8.04 6.90 0.66
C13 STU B . -8.45 6.47 -0.60
C9 STU B . -8.95 6.09 -4.03
N1 STU B . -9.28 5.73 -5.39
C8 STU B . -10.06 4.68 -5.58
O5 STU B . -10.46 4.22 -6.63
C5 STU B . -11.94 2.04 -4.50
C20 STU B . -12.52 1.19 -3.47
C1 STU B . -13.35 0.06 -3.80
C2 STU B . -13.57 -0.21 -5.17
C3 STU B . -13.01 0.64 -6.18
C4 STU B . -12.21 1.72 -5.84
N3 STU B . -12.13 1.65 -2.24
O6 STU B . -9.44 1.07 -0.05
C27 STU B . -8.12 1.35 0.40
N4 STU B . -10.55 -1.37 1.24
C28 STU B . -11.43 -2.37 1.89
#